data_5LFV
#
_entry.id   5LFV
#
_cell.length_a   43.605
_cell.length_b   60.115
_cell.length_c   79.471
_cell.angle_alpha   71.86
_cell.angle_beta   86.51
_cell.angle_gamma   82.95
#
_symmetry.space_group_name_H-M   'P 1'
#
loop_
_entity.id
_entity.type
_entity.pdbx_description
1 polymer 'Myelin-associated glycoprotein'
2 branched alpha-D-mannopyranose-(1-6)-beta-D-mannopyranose-(1-4)-2-acetamido-2-deoxy-beta-D-glucopyranose-(1-4)-2-acetamido-2-deoxy-beta-D-glucopyranose
3 branched 'N-acetyl-alpha-neuraminic acid-(2-3)-beta-D-galactopyranose-(1-6)-2-acetamido-2-deoxy-beta-D-glucopyranose'
4 non-polymer alpha-D-mannopyranose
5 non-polymer 2-acetamido-2-deoxy-beta-D-glucopyranose
6 non-polymer GLYCEROL
7 non-polymer 'SULFATE ION'
8 water water
#
_entity_poly.entity_id   1
_entity_poly.type   'polypeptide(L)'
_entity_poly.pdbx_seq_one_letter_code
;GSGHWGAWMPSTISAFEGTCVSIPCRFDFPDELRPAVVHGVWYFNSPYPKNYPPVVFKSRTQVVHESFQGRSRLLGDLGL
RNCTLLLSTLSPELGGKYYFRGDLGGYNQYTFSEHSVLDIVNTPNIVVPPEVVAGTEVEVSCMVPDNCPELRPELSWLGH
EGLGEPTVLGRLREDEGTWVQVSLLHFVPTREANGHRLGCQAAFPNTTLQFEGYASLDVKYPPVIVEMNSSVEAIEGSHV
SLLCGADSNPPPLLTWMRDGMVLREAVAKSLYLDLEEVTPGEDGVYACLAENAYGQDNRTVELSVMYAAAAHHHHHH
;
_entity_poly.pdbx_strand_id   A,B
#
# COMPACT_ATOMS: atom_id res chain seq x y z
N SER A 2 28.85 -3.34 -8.72
CA SER A 2 30.04 -4.08 -9.09
C SER A 2 29.97 -4.57 -10.53
N GLY A 3 30.78 -5.57 -10.84
CA GLY A 3 30.76 -6.22 -12.14
C GLY A 3 30.60 -7.72 -11.96
N HIS A 4 29.38 -8.14 -11.68
CA HIS A 4 29.11 -9.54 -11.35
C HIS A 4 27.88 -10.07 -12.06
N TRP A 5 27.74 -11.39 -12.10
CA TRP A 5 26.56 -12.01 -12.68
C TRP A 5 25.34 -11.78 -11.81
N GLY A 6 24.24 -11.37 -12.44
CA GLY A 6 23.00 -11.12 -11.72
C GLY A 6 21.97 -10.45 -12.61
N ALA A 7 20.70 -10.58 -12.23
CA ALA A 7 19.62 -9.94 -12.98
C ALA A 7 18.68 -9.20 -12.05
N TRP A 8 17.83 -8.35 -12.61
CA TRP A 8 16.87 -7.59 -11.82
C TRP A 8 15.54 -7.46 -12.56
N MET A 9 14.49 -8.01 -11.95
CA MET A 9 13.16 -7.97 -12.53
C MET A 9 12.11 -8.17 -11.45
N PRO A 10 10.91 -7.61 -11.65
CA PRO A 10 9.81 -7.80 -10.69
C PRO A 10 9.45 -9.27 -10.51
N SER A 11 9.40 -9.73 -9.27
CA SER A 11 9.10 -11.13 -8.98
C SER A 11 7.70 -11.50 -9.47
N THR A 12 6.77 -10.56 -9.35
CA THR A 12 5.42 -10.75 -9.85
C THR A 12 4.97 -9.54 -10.67
N ILE A 13 4.18 -9.80 -11.70
CA ILE A 13 3.66 -8.72 -12.55
C ILE A 13 2.33 -9.17 -13.16
N SER A 14 1.40 -8.24 -13.33
CA SER A 14 0.07 -8.58 -13.81
C SER A 14 -0.34 -7.75 -15.03
N ALA A 15 -1.23 -8.33 -15.84
CA ALA A 15 -1.73 -7.66 -17.03
C ALA A 15 -3.05 -8.28 -17.47
N PHE A 16 -3.86 -7.52 -18.21
CA PHE A 16 -5.15 -8.00 -18.66
C PHE A 16 -5.03 -8.93 -19.86
N GLU A 17 -5.96 -9.88 -19.95
CA GLU A 17 -6.02 -10.80 -21.08
C GLU A 17 -6.37 -10.03 -22.37
N GLY A 18 -5.62 -10.30 -23.43
CA GLY A 18 -5.86 -9.65 -24.70
C GLY A 18 -5.10 -8.35 -24.86
N THR A 19 -4.32 -8.00 -23.84
CA THR A 19 -3.52 -6.78 -23.89
C THR A 19 -2.04 -7.13 -24.01
N CYS A 20 -1.19 -6.22 -23.54
CA CYS A 20 0.25 -6.45 -23.57
C CYS A 20 0.86 -6.28 -22.18
N VAL A 21 2.14 -6.60 -22.05
CA VAL A 21 2.85 -6.39 -20.80
C VAL A 21 4.34 -6.20 -21.05
N SER A 22 4.92 -5.17 -20.44
CA SER A 22 6.35 -4.94 -20.52
C SER A 22 7.02 -5.31 -19.21
N ILE A 23 7.86 -6.35 -19.25
CA ILE A 23 8.58 -6.81 -18.07
C ILE A 23 9.94 -6.14 -17.98
N PRO A 24 10.09 -5.14 -17.09
CA PRO A 24 11.36 -4.44 -16.97
C PRO A 24 12.46 -5.38 -16.46
N CYS A 25 13.59 -5.40 -17.15
CA CYS A 25 14.67 -6.31 -16.80
C CYS A 25 16.04 -5.70 -17.00
N ARG A 26 16.92 -5.93 -16.04
CA ARG A 26 18.31 -5.50 -16.13
C ARG A 26 19.21 -6.63 -15.63
N PHE A 27 20.32 -6.87 -16.31
CA PHE A 27 21.25 -7.88 -15.88
C PHE A 27 22.68 -7.34 -15.85
N ASP A 28 23.57 -8.08 -15.21
CA ASP A 28 24.95 -7.63 -15.06
C ASP A 28 25.91 -8.80 -15.30
N PHE A 29 27.17 -8.45 -15.60
CA PHE A 29 28.19 -9.45 -15.84
C PHE A 29 29.57 -8.82 -15.63
N PRO A 30 30.60 -9.64 -15.38
CA PRO A 30 31.96 -9.11 -15.23
C PRO A 30 32.42 -8.28 -16.44
N ASP A 31 32.85 -7.06 -16.19
CA ASP A 31 33.31 -6.16 -17.24
C ASP A 31 34.53 -6.70 -17.98
N GLU A 32 35.34 -7.48 -17.26
CA GLU A 32 36.59 -8.03 -17.80
C GLU A 32 36.41 -8.80 -19.11
N LEU A 33 35.20 -9.29 -19.33
CA LEU A 33 34.88 -10.06 -20.53
C LEU A 33 34.97 -9.23 -21.80
N ARG A 34 34.22 -8.13 -21.85
CA ARG A 34 34.15 -7.27 -23.03
C ARG A 34 33.86 -8.06 -24.30
N PRO A 35 32.66 -8.66 -24.39
CA PRO A 35 32.33 -9.55 -25.51
C PRO A 35 32.09 -8.82 -26.83
N ALA A 36 31.66 -7.56 -26.74
CA ALA A 36 31.28 -6.73 -27.89
C ALA A 36 29.98 -7.21 -28.56
N VAL A 37 29.60 -8.45 -28.27
CA VAL A 37 28.32 -8.99 -28.75
C VAL A 37 27.62 -9.73 -27.61
N VAL A 38 26.48 -9.21 -27.17
CA VAL A 38 25.75 -9.79 -26.05
C VAL A 38 24.46 -10.49 -26.51
N HIS A 39 24.38 -11.78 -26.26
CA HIS A 39 23.19 -12.55 -26.60
C HIS A 39 22.40 -12.94 -25.35
N GLY A 40 21.11 -13.24 -25.52
CA GLY A 40 20.26 -13.58 -24.41
C GLY A 40 19.08 -14.47 -24.78
N VAL A 41 18.57 -15.21 -23.80
CA VAL A 41 17.42 -16.10 -24.01
C VAL A 41 16.38 -15.95 -22.90
N TRP A 42 15.12 -15.81 -23.29
CA TRP A 42 14.01 -15.79 -22.34
C TRP A 42 13.27 -17.14 -22.35
N TYR A 43 13.02 -17.68 -21.17
CA TYR A 43 12.31 -18.96 -21.05
C TYR A 43 10.96 -18.81 -20.35
N PHE A 44 10.05 -19.74 -20.63
CA PHE A 44 8.75 -19.79 -19.98
C PHE A 44 8.75 -20.92 -18.96
N ASN A 45 7.83 -20.86 -18.00
CA ASN A 45 7.86 -21.77 -16.85
C ASN A 45 7.76 -23.25 -17.19
N SER A 46 6.86 -23.60 -18.12
CA SER A 46 6.64 -25.00 -18.47
C SER A 46 7.83 -25.59 -19.22
N ASN A 51 10.69 -29.33 -17.14
CA ASN A 51 11.96 -29.91 -17.59
C ASN A 51 12.42 -29.32 -18.91
N TYR A 52 11.47 -29.08 -19.82
CA TYR A 52 11.78 -28.52 -21.13
C TYR A 52 11.00 -27.24 -21.37
N PRO A 53 11.51 -26.12 -20.82
CA PRO A 53 10.86 -24.81 -20.95
C PRO A 53 10.89 -24.28 -22.38
N PRO A 54 9.73 -23.83 -22.89
CA PRO A 54 9.66 -23.22 -24.22
C PRO A 54 10.43 -21.92 -24.29
N VAL A 55 10.92 -21.57 -25.48
CA VAL A 55 11.70 -20.37 -25.67
C VAL A 55 10.82 -19.18 -26.05
N VAL A 56 10.87 -18.12 -25.25
CA VAL A 56 10.14 -16.89 -25.55
C VAL A 56 10.93 -16.05 -26.54
N PHE A 57 12.24 -15.97 -26.31
CA PHE A 57 13.12 -15.18 -27.15
C PHE A 57 14.52 -15.78 -27.16
N LYS A 58 15.18 -15.73 -28.31
CA LYS A 58 16.54 -16.22 -28.43
C LYS A 58 17.27 -15.46 -29.53
N SER A 59 18.18 -14.57 -29.13
CA SER A 59 18.82 -13.64 -30.05
C SER A 59 19.70 -14.32 -31.10
N ARG A 60 20.33 -15.43 -30.74
CA ARG A 60 21.26 -16.10 -31.65
C ARG A 60 20.57 -16.70 -32.86
N THR A 61 19.60 -17.58 -32.62
CA THR A 61 18.96 -18.32 -33.70
C THR A 61 17.61 -17.73 -34.10
N GLN A 62 17.18 -16.70 -33.38
CA GLN A 62 15.90 -16.04 -33.61
C GLN A 62 14.72 -17.01 -33.50
N VAL A 63 14.94 -18.15 -32.85
CA VAL A 63 13.88 -19.14 -32.71
C VAL A 63 12.89 -18.71 -31.64
N VAL A 64 11.61 -18.90 -31.92
CA VAL A 64 10.55 -18.56 -30.98
C VAL A 64 9.53 -19.68 -30.93
N HIS A 65 9.13 -20.06 -29.72
CA HIS A 65 8.09 -21.06 -29.54
C HIS A 65 6.79 -20.55 -30.16
N GLU A 66 5.99 -21.47 -30.69
CA GLU A 66 4.77 -21.11 -31.43
C GLU A 66 3.79 -20.30 -30.59
N SER A 67 3.82 -20.50 -29.28
CA SER A 67 2.91 -19.78 -28.38
C SER A 67 3.34 -18.33 -28.18
N PHE A 68 4.56 -18.01 -28.60
CA PHE A 68 5.09 -16.66 -28.43
C PHE A 68 5.39 -15.96 -29.76
N GLN A 69 5.18 -16.67 -30.86
CA GLN A 69 5.46 -16.11 -32.18
C GLN A 69 4.54 -14.95 -32.52
N GLY A 70 5.13 -13.81 -32.83
CA GLY A 70 4.37 -12.61 -33.15
C GLY A 70 3.75 -11.99 -31.93
N ARG A 71 4.20 -12.44 -30.75
CA ARG A 71 3.68 -11.96 -29.48
C ARG A 71 4.82 -11.56 -28.55
N SER A 72 6.03 -11.94 -28.92
CA SER A 72 7.20 -11.65 -28.10
C SER A 72 8.18 -10.74 -28.85
N ARG A 73 8.69 -9.74 -28.13
CA ARG A 73 9.63 -8.77 -28.70
C ARG A 73 10.55 -8.22 -27.63
N LEU A 74 11.84 -8.19 -27.90
CA LEU A 74 12.82 -7.69 -26.95
C LEU A 74 13.00 -6.19 -27.06
N LEU A 75 12.62 -5.48 -26.01
CA LEU A 75 12.82 -4.03 -25.94
C LEU A 75 14.11 -3.71 -25.18
N GLY A 76 14.83 -2.70 -25.63
CA GLY A 76 16.08 -2.33 -25.00
C GLY A 76 17.24 -3.16 -25.50
N ASP A 77 18.44 -2.60 -25.44
CA ASP A 77 19.64 -3.24 -25.95
C ASP A 77 20.27 -4.15 -24.91
N LEU A 78 20.59 -5.38 -25.31
CA LEU A 78 21.29 -6.31 -24.43
C LEU A 78 22.71 -5.84 -24.17
N GLY A 79 23.26 -5.09 -25.11
CA GLY A 79 24.59 -4.52 -24.97
C GLY A 79 24.62 -3.43 -23.92
N LEU A 80 23.44 -2.91 -23.59
CA LEU A 80 23.31 -1.91 -22.55
C LEU A 80 22.80 -2.55 -21.26
N ARG A 81 22.92 -3.87 -21.20
CA ARG A 81 22.51 -4.66 -20.03
C ARG A 81 21.02 -4.48 -19.74
N ASN A 82 20.24 -4.33 -20.80
CA ASN A 82 18.79 -4.14 -20.71
C ASN A 82 18.06 -5.28 -21.40
N CYS A 83 17.43 -6.15 -20.62
CA CYS A 83 16.76 -7.33 -21.15
C CYS A 83 15.24 -7.23 -21.04
N THR A 84 14.72 -6.02 -21.15
CA THR A 84 13.28 -5.78 -21.03
C THR A 84 12.50 -6.52 -22.10
N LEU A 85 11.48 -7.27 -21.68
CA LEU A 85 10.70 -8.10 -22.58
C LEU A 85 9.29 -7.55 -22.78
N LEU A 86 8.83 -7.56 -24.03
CA LEU A 86 7.46 -7.14 -24.34
C LEU A 86 6.65 -8.32 -24.87
N LEU A 87 5.53 -8.60 -24.19
CA LEU A 87 4.62 -9.65 -24.62
C LEU A 87 3.30 -9.04 -25.06
N SER A 88 2.85 -9.40 -26.25
CA SER A 88 1.62 -8.83 -26.82
C SER A 88 0.53 -9.87 -27.02
N THR A 89 -0.71 -9.39 -27.15
CA THR A 89 -1.88 -10.24 -27.33
C THR A 89 -1.91 -11.37 -26.30
N LEU A 90 -2.00 -11.00 -25.04
CA LEU A 90 -1.89 -11.97 -23.95
C LEU A 90 -3.09 -12.90 -23.88
N SER A 91 -2.81 -14.13 -23.45
CA SER A 91 -3.83 -15.15 -23.25
C SER A 91 -3.40 -16.04 -22.09
N PRO A 92 -4.37 -16.53 -21.30
CA PRO A 92 -4.14 -17.30 -20.06
C PRO A 92 -3.00 -18.32 -20.13
N GLU A 93 -2.77 -18.90 -21.31
CA GLU A 93 -1.67 -19.83 -21.52
C GLU A 93 -0.31 -19.21 -21.20
N LEU A 94 -0.21 -17.90 -21.33
CA LEU A 94 1.07 -17.20 -21.13
C LEU A 94 1.33 -16.87 -19.67
N GLY A 95 0.42 -17.27 -18.79
CA GLY A 95 0.60 -17.05 -17.37
C GLY A 95 1.61 -18.01 -16.78
N GLY A 96 2.59 -17.49 -16.07
CA GLY A 96 3.61 -18.31 -15.45
C GLY A 96 4.92 -17.60 -15.21
N LYS A 97 5.98 -18.37 -14.99
CA LYS A 97 7.29 -17.83 -14.66
C LYS A 97 8.13 -17.52 -15.91
N TYR A 98 8.73 -16.35 -15.93
CA TYR A 98 9.67 -15.97 -16.98
C TYR A 98 11.05 -15.68 -16.39
N TYR A 99 12.07 -16.38 -16.88
CA TYR A 99 13.43 -16.11 -16.43
C TYR A 99 14.38 -15.91 -17.62
N PHE A 100 15.44 -15.14 -17.39
CA PHE A 100 16.34 -14.72 -18.45
C PHE A 100 17.68 -15.43 -18.38
N ARG A 101 18.30 -15.62 -19.54
CA ARG A 101 19.60 -16.29 -19.64
C ARG A 101 20.57 -15.49 -20.50
N GLY A 102 21.73 -15.17 -19.95
CA GLY A 102 22.72 -14.38 -20.66
C GLY A 102 23.68 -15.24 -21.46
N ASP A 103 24.10 -14.73 -22.61
CA ASP A 103 25.04 -15.43 -23.49
C ASP A 103 26.10 -14.47 -23.99
N LEU A 104 27.33 -14.63 -23.51
CA LEU A 104 28.43 -13.75 -23.90
C LEU A 104 29.48 -14.49 -24.71
N GLY A 105 29.06 -15.54 -25.40
CA GLY A 105 29.96 -16.31 -26.24
C GLY A 105 30.84 -17.26 -25.44
N GLY A 106 31.41 -18.25 -26.12
CA GLY A 106 32.27 -19.22 -25.47
C GLY A 106 31.55 -20.02 -24.42
N TYR A 107 32.11 -20.04 -23.21
CA TYR A 107 31.50 -20.75 -22.09
C TYR A 107 30.77 -19.78 -21.16
N ASN A 108 30.62 -18.54 -21.59
CA ASN A 108 30.01 -17.51 -20.74
C ASN A 108 28.50 -17.42 -20.89
N GLN A 109 27.81 -18.53 -20.65
CA GLN A 109 26.36 -18.54 -20.61
C GLN A 109 25.90 -18.59 -19.16
N TYR A 110 24.92 -17.76 -18.81
CA TYR A 110 24.49 -17.67 -17.43
C TYR A 110 22.97 -17.55 -17.29
N THR A 111 22.36 -18.55 -16.68
CA THR A 111 20.94 -18.52 -16.36
C THR A 111 20.74 -17.90 -14.98
N PHE A 112 20.17 -16.70 -14.95
CA PHE A 112 20.04 -15.95 -13.71
C PHE A 112 18.96 -16.51 -12.80
N SER A 113 19.17 -16.40 -11.50
CA SER A 113 18.27 -16.98 -10.50
C SER A 113 16.91 -16.28 -10.46
N GLU A 114 16.94 -14.95 -10.38
CA GLU A 114 15.72 -14.16 -10.29
C GLU A 114 14.83 -14.33 -11.51
N HIS A 115 13.53 -14.52 -11.25
CA HIS A 115 12.56 -14.72 -12.32
C HIS A 115 11.34 -13.83 -12.12
N SER A 116 10.42 -13.86 -13.08
CA SER A 116 9.23 -13.03 -13.02
C SER A 116 7.96 -13.84 -13.28
N VAL A 117 7.03 -13.79 -12.33
CA VAL A 117 5.76 -14.49 -12.46
C VAL A 117 4.72 -13.58 -13.11
N LEU A 118 4.20 -13.99 -14.26
CA LEU A 118 3.18 -13.21 -14.96
C LEU A 118 1.79 -13.71 -14.63
N ASP A 119 0.97 -12.83 -14.08
CA ASP A 119 -0.42 -13.16 -13.75
C ASP A 119 -1.37 -12.45 -14.72
N ILE A 120 -2.03 -13.22 -15.57
CA ILE A 120 -2.97 -12.66 -16.53
C ILE A 120 -4.38 -12.67 -15.97
N VAL A 121 -5.00 -11.49 -15.94
CA VAL A 121 -6.31 -11.32 -15.31
C VAL A 121 -7.39 -10.89 -16.30
N ASN A 122 -8.64 -11.00 -15.88
CA ASN A 122 -9.78 -10.61 -16.71
C ASN A 122 -10.79 -9.76 -15.95
N THR A 123 -10.52 -9.51 -14.68
CA THR A 123 -11.37 -8.65 -13.87
C THR A 123 -10.53 -7.70 -13.02
N PRO A 124 -10.98 -6.45 -12.89
CA PRO A 124 -10.31 -5.46 -12.03
C PRO A 124 -10.35 -5.88 -10.56
N ASN A 125 -9.44 -5.33 -9.76
CA ASN A 125 -9.35 -5.67 -8.35
C ASN A 125 -10.07 -4.65 -7.47
N ILE A 126 -11.11 -5.10 -6.78
CA ILE A 126 -11.83 -4.24 -5.86
C ILE A 126 -11.44 -4.55 -4.42
N VAL A 127 -10.93 -3.55 -3.71
CA VAL A 127 -10.48 -3.75 -2.34
C VAL A 127 -11.47 -3.15 -1.33
N VAL A 128 -12.07 -4.03 -0.54
CA VAL A 128 -13.01 -3.63 0.50
C VAL A 128 -12.48 -4.09 1.86
N PRO A 129 -12.46 -3.18 2.84
CA PRO A 129 -12.05 -3.55 4.21
C PRO A 129 -12.88 -4.70 4.76
N PRO A 130 -12.25 -5.59 5.54
CA PRO A 130 -12.87 -6.82 6.04
C PRO A 130 -14.09 -6.58 6.92
N GLU A 131 -14.23 -5.38 7.46
CA GLU A 131 -15.36 -5.06 8.33
C GLU A 131 -15.93 -3.68 8.03
N VAL A 132 -17.08 -3.65 7.37
CA VAL A 132 -17.75 -2.39 7.04
C VAL A 132 -18.90 -2.14 8.01
N VAL A 133 -18.76 -1.10 8.83
CA VAL A 133 -19.76 -0.78 9.83
C VAL A 133 -20.47 0.53 9.51
N ALA A 134 -21.79 0.54 9.62
CA ALA A 134 -22.57 1.73 9.37
C ALA A 134 -22.20 2.85 10.34
N GLY A 135 -22.10 4.07 9.83
CA GLY A 135 -21.78 5.22 10.65
C GLY A 135 -20.30 5.57 10.64
N THR A 136 -19.49 4.74 9.99
CA THR A 136 -18.06 4.97 9.93
C THR A 136 -17.60 5.26 8.50
N GLU A 137 -16.63 6.16 8.36
CA GLU A 137 -16.08 6.47 7.04
C GLU A 137 -15.34 5.28 6.47
N VAL A 138 -15.70 4.88 5.25
CA VAL A 138 -15.13 3.71 4.61
C VAL A 138 -14.48 4.04 3.28
N GLU A 139 -13.29 3.49 3.05
CA GLU A 139 -12.61 3.63 1.78
C GLU A 139 -12.69 2.34 0.97
N VAL A 140 -13.14 2.45 -0.27
CA VAL A 140 -13.14 1.31 -1.19
C VAL A 140 -12.36 1.67 -2.44
N SER A 141 -11.44 0.80 -2.86
CA SER A 141 -10.58 1.10 -4.00
C SER A 141 -10.71 0.09 -5.12
N CYS A 142 -10.53 0.56 -6.35
CA CYS A 142 -10.45 -0.32 -7.51
C CYS A 142 -9.05 -0.27 -8.10
N MET A 143 -8.39 -1.43 -8.09
CA MET A 143 -7.00 -1.51 -8.56
C MET A 143 -6.91 -2.22 -9.91
N VAL A 144 -6.12 -1.66 -10.82
CA VAL A 144 -5.97 -2.21 -12.15
C VAL A 144 -4.52 -2.08 -12.64
N PRO A 145 -3.95 -3.19 -13.14
CA PRO A 145 -2.58 -3.21 -13.63
C PRO A 145 -2.38 -2.27 -14.82
N ASP A 146 -1.29 -1.50 -14.80
CA ASP A 146 -0.99 -0.57 -15.87
C ASP A 146 0.45 -0.77 -16.35
N ASN A 147 0.74 -1.98 -16.83
CA ASN A 147 2.08 -2.33 -17.26
C ASN A 147 2.18 -2.47 -18.77
N CYS A 148 1.12 -2.05 -19.47
CA CYS A 148 1.08 -2.08 -20.93
C CYS A 148 1.23 -0.67 -21.50
N PRO A 149 2.40 -0.38 -22.08
CA PRO A 149 2.71 0.94 -22.65
C PRO A 149 1.83 1.29 -23.85
N GLU A 150 1.43 0.27 -24.60
CA GLU A 150 0.67 0.48 -25.82
C GLU A 150 -0.82 0.73 -25.55
N LEU A 151 -1.33 0.10 -24.48
CA LEU A 151 -2.75 0.23 -24.15
C LEU A 151 -2.96 0.68 -22.71
N ARG A 152 -3.55 1.87 -22.55
CA ARG A 152 -3.84 2.41 -21.23
C ARG A 152 -5.29 2.17 -20.83
N PRO A 153 -5.50 1.59 -19.63
CA PRO A 153 -6.84 1.30 -19.12
C PRO A 153 -7.56 2.56 -18.63
N GLU A 154 -8.83 2.69 -19.00
CA GLU A 154 -9.68 3.77 -18.48
C GLU A 154 -10.55 3.20 -17.37
N LEU A 155 -10.39 3.75 -16.16
CA LEU A 155 -11.06 3.21 -14.99
C LEU A 155 -12.39 3.90 -14.71
N SER A 156 -13.40 3.11 -14.36
CA SER A 156 -14.73 3.65 -14.07
C SER A 156 -15.49 2.77 -13.08
N TRP A 157 -16.38 3.40 -12.30
CA TRP A 157 -17.19 2.67 -11.32
C TRP A 157 -18.58 2.36 -11.85
N LEU A 158 -19.20 1.32 -11.30
CA LEU A 158 -20.55 0.93 -11.69
C LEU A 158 -21.43 0.77 -10.45
N GLY A 159 -22.60 1.40 -10.48
CA GLY A 159 -23.55 1.30 -9.38
C GLY A 159 -23.02 1.91 -8.09
N HIS A 160 -22.60 3.17 -8.16
CA HIS A 160 -22.05 3.87 -7.01
C HIS A 160 -22.78 5.18 -6.76
N GLU A 161 -24.09 5.17 -7.00
CA GLU A 161 -24.91 6.38 -6.94
C GLU A 161 -24.87 7.07 -5.58
N GLY A 162 -25.20 6.32 -4.53
CA GLY A 162 -25.27 6.88 -3.20
C GLY A 162 -24.01 6.71 -2.38
N LEU A 163 -22.88 6.55 -3.06
CA LEU A 163 -21.61 6.36 -2.38
C LEU A 163 -20.67 7.55 -2.61
N GLY A 164 -21.18 8.60 -3.22
CA GLY A 164 -20.39 9.78 -3.50
C GLY A 164 -19.57 9.65 -4.76
N GLU A 165 -19.09 10.78 -5.27
CA GLU A 165 -18.29 10.78 -6.50
C GLU A 165 -16.86 10.31 -6.23
N PRO A 166 -16.33 9.46 -7.13
CA PRO A 166 -15.01 8.85 -6.98
C PRO A 166 -13.87 9.85 -7.03
N THR A 167 -12.73 9.49 -6.44
CA THR A 167 -11.52 10.29 -6.52
C THR A 167 -10.40 9.48 -7.17
N VAL A 168 -10.04 9.86 -8.39
CA VAL A 168 -9.02 9.14 -9.15
C VAL A 168 -7.62 9.46 -8.65
N LEU A 169 -6.87 8.43 -8.26
CA LEU A 169 -5.51 8.60 -7.80
C LEU A 169 -4.53 8.57 -8.97
N GLY A 170 -4.94 7.93 -10.06
CA GLY A 170 -4.14 7.86 -11.26
C GLY A 170 -3.16 6.69 -11.24
N ARG A 171 -2.10 6.81 -12.03
CA ARG A 171 -1.07 5.78 -12.10
C ARG A 171 -0.18 5.80 -10.87
N LEU A 172 -0.16 4.68 -10.13
CA LEU A 172 0.65 4.58 -8.93
C LEU A 172 1.69 3.48 -9.03
N ARG A 173 2.86 3.72 -8.46
CA ARG A 173 3.91 2.71 -8.43
C ARG A 173 3.74 1.77 -7.25
N GLU A 174 3.93 0.47 -7.51
CA GLU A 174 3.93 -0.51 -6.44
C GLU A 174 5.32 -1.11 -6.31
N ASP A 175 5.46 -2.10 -5.43
CA ASP A 175 6.76 -2.73 -5.21
C ASP A 175 7.24 -3.46 -6.47
N GLU A 176 8.54 -3.74 -6.51
CA GLU A 176 9.19 -4.40 -7.65
C GLU A 176 9.09 -3.58 -8.94
N GLY A 177 8.76 -2.30 -8.79
CA GLY A 177 8.78 -1.37 -9.90
C GLY A 177 7.73 -1.60 -10.99
N THR A 178 6.53 -2.00 -10.58
CA THR A 178 5.43 -2.14 -11.52
C THR A 178 4.36 -1.07 -11.25
N TRP A 179 3.36 -0.98 -12.12
CA TRP A 179 2.41 0.12 -12.06
C TRP A 179 0.94 -0.33 -12.02
N VAL A 180 0.12 0.45 -11.34
CA VAL A 180 -1.32 0.19 -11.27
C VAL A 180 -2.15 1.45 -11.42
N GLN A 181 -3.41 1.28 -11.82
CA GLN A 181 -4.37 2.39 -11.85
C GLN A 181 -5.33 2.24 -10.68
N VAL A 182 -5.43 3.28 -9.85
CA VAL A 182 -6.25 3.21 -8.64
C VAL A 182 -7.32 4.30 -8.61
N SER A 183 -8.56 3.90 -8.31
CA SER A 183 -9.65 4.84 -8.08
C SER A 183 -10.25 4.61 -6.71
N LEU A 184 -10.72 5.67 -6.07
CA LEU A 184 -11.19 5.58 -4.69
C LEU A 184 -12.65 5.97 -4.49
N LEU A 185 -13.25 5.42 -3.44
CA LEU A 185 -14.56 5.83 -2.97
C LEU A 185 -14.52 6.06 -1.47
N HIS A 186 -14.80 7.29 -1.04
CA HIS A 186 -14.91 7.61 0.38
C HIS A 186 -16.35 7.94 0.72
N PHE A 187 -16.89 7.23 1.71
CA PHE A 187 -18.29 7.40 2.07
C PHE A 187 -18.60 6.86 3.47
N VAL A 188 -19.67 7.37 4.07
CA VAL A 188 -20.17 6.84 5.32
C VAL A 188 -21.45 6.07 5.06
N PRO A 189 -21.35 4.73 5.00
CA PRO A 189 -22.50 3.89 4.65
C PRO A 189 -23.53 3.80 5.78
N THR A 190 -24.80 3.74 5.41
CA THR A 190 -25.87 3.49 6.36
C THR A 190 -26.35 2.06 6.20
N ARG A 191 -27.39 1.70 6.95
CA ARG A 191 -27.95 0.35 6.87
C ARG A 191 -28.53 0.06 5.49
N GLU A 192 -28.92 1.12 4.78
CA GLU A 192 -29.50 0.98 3.45
C GLU A 192 -28.44 0.54 2.43
N ALA A 193 -27.17 0.79 2.74
CA ALA A 193 -26.07 0.46 1.85
C ALA A 193 -25.70 -1.02 1.94
N ASN A 194 -26.36 -1.76 2.82
CA ASN A 194 -26.10 -3.18 2.97
C ASN A 194 -26.61 -3.96 1.76
N GLY A 195 -25.69 -4.65 1.08
CA GLY A 195 -26.04 -5.42 -0.10
C GLY A 195 -25.87 -4.62 -1.38
N HIS A 196 -25.24 -3.44 -1.26
CA HIS A 196 -25.02 -2.59 -2.41
C HIS A 196 -24.04 -3.24 -3.40
N ARG A 197 -24.42 -3.29 -4.66
CA ARG A 197 -23.56 -3.87 -5.69
C ARG A 197 -22.52 -2.87 -6.16
N LEU A 198 -21.25 -3.14 -5.87
CA LEU A 198 -20.17 -2.29 -6.31
C LEU A 198 -19.48 -2.88 -7.54
N GLY A 199 -19.51 -2.14 -8.64
CA GLY A 199 -18.91 -2.60 -9.88
C GLY A 199 -17.81 -1.68 -10.36
N CYS A 200 -16.76 -2.27 -10.94
CA CYS A 200 -15.67 -1.50 -11.51
C CYS A 200 -15.37 -1.97 -12.93
N GLN A 201 -15.17 -1.02 -13.83
CA GLN A 201 -14.92 -1.33 -15.23
C GLN A 201 -13.57 -0.81 -15.71
N ALA A 202 -12.82 -1.67 -16.39
CA ALA A 202 -11.56 -1.28 -17.00
C ALA A 202 -11.69 -1.38 -18.53
N ALA A 203 -11.77 -0.22 -19.19
CA ALA A 203 -11.97 -0.19 -20.63
C ALA A 203 -10.74 0.34 -21.35
N PHE A 204 -10.48 -0.21 -22.54
CA PHE A 204 -9.35 0.21 -23.35
C PHE A 204 -9.84 0.82 -24.67
N PRO A 205 -9.62 2.13 -24.85
CA PRO A 205 -10.02 2.84 -26.08
C PRO A 205 -9.41 2.21 -27.32
N ASN A 206 -10.06 2.37 -28.46
CA ASN A 206 -9.54 1.90 -29.74
C ASN A 206 -9.52 0.36 -29.81
N THR A 207 -10.06 -0.27 -28.77
CA THR A 207 -10.23 -1.72 -28.75
C THR A 207 -11.64 -2.07 -28.29
N THR A 208 -11.98 -3.35 -28.35
CA THR A 208 -13.27 -3.82 -27.85
C THR A 208 -13.11 -4.50 -26.49
N LEU A 209 -11.91 -4.37 -25.93
CA LEU A 209 -11.62 -4.96 -24.62
C LEU A 209 -12.32 -4.20 -23.50
N GLN A 210 -13.04 -4.93 -22.67
CA GLN A 210 -13.76 -4.34 -21.55
C GLN A 210 -13.90 -5.35 -20.43
N PHE A 211 -13.39 -5.00 -19.25
CA PHE A 211 -13.38 -5.93 -18.12
C PHE A 211 -14.16 -5.37 -16.94
N GLU A 212 -15.04 -6.19 -16.37
CA GLU A 212 -15.90 -5.77 -15.27
C GLU A 212 -15.75 -6.67 -14.06
N GLY A 213 -15.69 -6.06 -12.88
CA GLY A 213 -15.63 -6.81 -11.62
C GLY A 213 -16.68 -6.29 -10.66
N TYR A 214 -17.27 -7.19 -9.88
CA TYR A 214 -18.35 -6.81 -8.96
C TYR A 214 -18.12 -7.32 -7.54
N ALA A 215 -18.66 -6.58 -6.58
CA ALA A 215 -18.58 -6.95 -5.18
C ALA A 215 -19.77 -6.38 -4.42
N SER A 216 -20.21 -7.10 -3.38
CA SER A 216 -21.35 -6.67 -2.58
C SER A 216 -20.91 -6.13 -1.23
N LEU A 217 -21.37 -4.94 -0.89
CA LEU A 217 -21.03 -4.32 0.38
C LEU A 217 -21.74 -5.01 1.55
N ASP A 218 -20.96 -5.63 2.42
CA ASP A 218 -21.49 -6.24 3.64
C ASP A 218 -21.44 -5.20 4.76
N VAL A 219 -22.50 -4.42 4.88
CA VAL A 219 -22.55 -3.33 5.85
C VAL A 219 -23.19 -3.75 7.17
N LYS A 220 -22.41 -3.69 8.24
CA LYS A 220 -22.89 -4.03 9.57
C LYS A 220 -23.62 -2.85 10.21
N TYR A 221 -24.67 -3.13 10.98
CA TYR A 221 -25.42 -2.09 11.66
C TYR A 221 -26.22 -2.63 12.84
N PRO A 222 -26.41 -1.80 13.88
CA PRO A 222 -27.13 -2.19 15.11
C PRO A 222 -28.60 -2.51 14.87
N PRO A 223 -29.23 -3.27 15.79
CA PRO A 223 -30.62 -3.69 15.64
C PRO A 223 -31.61 -2.54 15.78
N VAL A 224 -32.61 -2.53 14.90
CA VAL A 224 -33.74 -1.63 15.02
C VAL A 224 -35.03 -2.43 14.98
N ILE A 225 -35.71 -2.50 16.12
CA ILE A 225 -36.96 -3.25 16.21
C ILE A 225 -38.03 -2.62 15.32
N VAL A 226 -38.39 -3.34 14.26
CA VAL A 226 -39.34 -2.83 13.27
C VAL A 226 -40.73 -3.41 13.44
N GLU A 227 -40.80 -4.62 13.99
CA GLU A 227 -42.08 -5.29 14.22
C GLU A 227 -42.36 -5.40 15.71
N MET A 228 -43.42 -4.74 16.15
CA MET A 228 -43.78 -4.75 17.57
C MET A 228 -45.27 -4.54 17.77
N ASN A 229 -45.86 -5.37 18.62
CA ASN A 229 -47.28 -5.24 18.94
C ASN A 229 -47.58 -3.96 19.72
N SER A 230 -48.69 -3.32 19.39
CA SER A 230 -49.17 -2.19 20.20
C SER A 230 -49.83 -2.74 21.46
N SER A 231 -50.49 -1.87 22.21
CA SER A 231 -51.14 -2.28 23.46
C SER A 231 -52.11 -3.44 23.23
N VAL A 232 -51.78 -4.59 23.79
CA VAL A 232 -52.56 -5.80 23.59
C VAL A 232 -53.67 -5.96 24.62
N GLU A 233 -54.89 -6.08 24.14
CA GLU A 233 -56.05 -6.28 25.00
C GLU A 233 -56.67 -7.65 24.73
N ALA A 234 -56.42 -8.58 25.64
CA ALA A 234 -56.74 -9.99 25.40
C ALA A 234 -58.00 -10.45 26.13
N ILE A 235 -58.61 -11.50 25.59
CA ILE A 235 -59.77 -12.14 26.20
C ILE A 235 -59.31 -13.22 27.18
N GLU A 236 -60.00 -13.33 28.31
CA GLU A 236 -59.69 -14.32 29.33
C GLU A 236 -59.62 -15.74 28.77
N GLY A 237 -58.52 -16.43 29.04
CA GLY A 237 -58.36 -17.82 28.65
C GLY A 237 -57.89 -18.01 27.22
N SER A 238 -57.91 -16.94 26.43
CA SER A 238 -57.53 -17.02 25.02
C SER A 238 -56.02 -17.21 24.85
N HIS A 239 -55.61 -17.45 23.61
CA HIS A 239 -54.19 -17.57 23.29
C HIS A 239 -53.63 -16.25 22.81
N VAL A 240 -52.46 -15.88 23.33
CA VAL A 240 -51.83 -14.61 22.96
C VAL A 240 -50.43 -14.81 22.40
N SER A 241 -50.22 -14.34 21.18
CA SER A 241 -48.91 -14.40 20.55
C SER A 241 -48.33 -13.01 20.37
N LEU A 242 -47.20 -12.76 21.02
CA LEU A 242 -46.48 -11.50 20.87
C LEU A 242 -45.32 -11.69 19.91
N LEU A 243 -45.22 -10.81 18.92
CA LEU A 243 -44.16 -10.91 17.91
C LEU A 243 -43.22 -9.71 17.97
N CYS A 244 -41.91 -10.00 17.94
CA CYS A 244 -40.90 -8.96 17.91
C CYS A 244 -39.93 -9.18 16.77
N GLY A 245 -39.90 -8.24 15.82
CA GLY A 245 -39.01 -8.32 14.69
C GLY A 245 -37.95 -7.23 14.72
N ALA A 246 -36.73 -7.58 14.34
CA ALA A 246 -35.63 -6.63 14.37
C ALA A 246 -34.76 -6.72 13.12
N ASP A 247 -34.33 -5.56 12.62
CA ASP A 247 -33.46 -5.51 11.46
C ASP A 247 -32.02 -5.19 11.85
N SER A 248 -31.12 -6.15 11.66
CA SER A 248 -29.72 -5.93 11.96
C SER A 248 -28.81 -6.84 11.14
N ASN A 249 -27.55 -6.45 11.04
CA ASN A 249 -26.54 -7.24 10.36
C ASN A 249 -25.25 -7.28 11.18
N PRO A 250 -24.88 -8.45 11.70
CA PRO A 250 -25.52 -9.77 11.56
C PRO A 250 -26.83 -9.88 12.34
N PRO A 251 -27.64 -10.92 12.08
CA PRO A 251 -28.90 -11.15 12.81
C PRO A 251 -28.72 -11.08 14.32
N PRO A 252 -29.72 -10.53 15.02
CA PRO A 252 -29.60 -10.20 16.45
C PRO A 252 -30.01 -11.34 17.36
N LEU A 253 -29.69 -11.21 18.65
CA LEU A 253 -30.24 -12.10 19.66
C LEU A 253 -31.49 -11.47 20.24
N LEU A 254 -32.63 -12.12 20.03
CA LEU A 254 -33.90 -11.60 20.53
C LEU A 254 -34.25 -12.25 21.86
N THR A 255 -34.76 -11.45 22.79
CA THR A 255 -35.08 -11.92 24.13
C THR A 255 -36.38 -11.33 24.66
N TRP A 256 -37.33 -12.20 24.98
CA TRP A 256 -38.56 -11.78 25.64
C TRP A 256 -38.40 -11.85 27.16
N MET A 257 -38.67 -10.74 27.83
CA MET A 257 -38.49 -10.68 29.27
C MET A 257 -39.68 -10.07 30.01
N ARG A 258 -39.85 -10.47 31.26
CA ARG A 258 -40.82 -9.85 32.16
C ARG A 258 -40.35 -10.06 33.60
N ASP A 259 -40.43 -9.00 34.40
CA ASP A 259 -39.99 -9.01 35.79
C ASP A 259 -38.51 -9.39 35.91
N GLY A 260 -37.73 -9.01 34.90
CA GLY A 260 -36.31 -9.32 34.88
C GLY A 260 -36.04 -10.79 34.64
N MET A 261 -37.02 -11.49 34.08
CA MET A 261 -36.89 -12.92 33.81
C MET A 261 -37.05 -13.23 32.32
N VAL A 262 -36.13 -14.02 31.79
CA VAL A 262 -36.16 -14.37 30.36
C VAL A 262 -37.24 -15.40 30.08
N LEU A 263 -38.16 -15.04 29.19
CA LEU A 263 -39.25 -15.94 28.80
C LEU A 263 -38.86 -16.79 27.60
N ARG A 264 -38.24 -16.15 26.61
CA ARG A 264 -37.77 -16.85 25.43
C ARG A 264 -36.58 -16.11 24.82
N GLU A 265 -35.67 -16.86 24.20
CA GLU A 265 -34.44 -16.30 23.67
C GLU A 265 -33.95 -17.07 22.45
N ALA A 266 -33.66 -16.35 21.37
CA ALA A 266 -33.21 -16.98 20.13
C ALA A 266 -32.50 -16.00 19.20
N VAL A 267 -31.54 -16.52 18.43
CA VAL A 267 -30.83 -15.73 17.43
C VAL A 267 -31.59 -15.78 16.11
N ALA A 268 -32.42 -14.77 15.86
CA ALA A 268 -33.23 -14.73 14.65
C ALA A 268 -33.69 -13.30 14.34
N LYS A 269 -34.34 -13.15 13.19
CA LYS A 269 -34.84 -11.84 12.77
C LYS A 269 -36.14 -11.49 13.48
N SER A 270 -36.95 -12.51 13.77
CA SER A 270 -38.19 -12.32 14.50
C SER A 270 -38.36 -13.43 15.54
N LEU A 271 -39.06 -13.11 16.64
CA LEU A 271 -39.26 -14.07 17.71
C LEU A 271 -40.66 -13.96 18.30
N TYR A 272 -41.36 -15.09 18.35
CA TYR A 272 -42.72 -15.13 18.90
C TYR A 272 -42.72 -15.45 20.39
N LEU A 273 -43.61 -14.79 21.12
CA LEU A 273 -43.88 -15.12 22.52
C LEU A 273 -45.31 -15.61 22.65
N ASP A 274 -45.48 -16.89 22.95
CA ASP A 274 -46.80 -17.49 23.03
C ASP A 274 -47.29 -17.63 24.46
N LEU A 275 -48.49 -17.13 24.72
CA LEU A 275 -49.10 -17.21 26.04
C LEU A 275 -50.45 -17.92 25.94
N GLU A 276 -50.59 -19.03 26.66
CA GLU A 276 -51.80 -19.84 26.58
C GLU A 276 -52.58 -19.80 27.90
N GLU A 277 -53.90 -19.85 27.79
CA GLU A 277 -54.80 -19.70 28.94
C GLU A 277 -54.45 -18.45 29.73
N VAL A 278 -54.39 -17.32 29.02
CA VAL A 278 -53.95 -16.06 29.62
C VAL A 278 -54.91 -15.56 30.69
N THR A 279 -54.39 -15.40 31.90
CA THR A 279 -55.18 -14.96 33.05
C THR A 279 -54.76 -13.53 33.43
N PRO A 280 -55.55 -12.86 34.29
CA PRO A 280 -55.14 -11.54 34.80
C PRO A 280 -53.76 -11.54 35.47
N GLY A 281 -53.29 -12.72 35.88
CA GLY A 281 -51.97 -12.84 36.46
C GLY A 281 -50.87 -12.70 35.42
N GLU A 282 -51.25 -12.71 34.15
CA GLU A 282 -50.30 -12.56 33.06
C GLU A 282 -50.19 -11.11 32.63
N ASP A 283 -50.97 -10.24 33.27
CA ASP A 283 -50.93 -8.81 32.99
C ASP A 283 -49.57 -8.22 33.32
N GLY A 284 -49.21 -7.14 32.64
CA GLY A 284 -47.95 -6.48 32.88
C GLY A 284 -47.25 -6.05 31.60
N VAL A 285 -46.08 -5.43 31.76
CA VAL A 285 -45.32 -4.96 30.61
C VAL A 285 -44.29 -5.99 30.18
N TYR A 286 -44.36 -6.38 28.91
CA TYR A 286 -43.40 -7.32 28.34
C TYR A 286 -42.36 -6.59 27.50
N ALA A 287 -41.12 -7.06 27.56
CA ALA A 287 -40.03 -6.39 26.86
C ALA A 287 -39.33 -7.30 25.87
N CYS A 288 -39.07 -6.78 24.68
CA CYS A 288 -38.26 -7.49 23.70
C CYS A 288 -36.92 -6.79 23.53
N LEU A 289 -35.84 -7.54 23.68
CA LEU A 289 -34.50 -6.98 23.57
C LEU A 289 -33.79 -7.52 22.33
N ALA A 290 -33.40 -6.62 21.44
CA ALA A 290 -32.64 -6.99 20.26
C ALA A 290 -31.19 -6.53 20.42
N GLU A 291 -30.25 -7.46 20.24
CA GLU A 291 -28.84 -7.16 20.47
C GLU A 291 -27.91 -7.92 19.54
N ASN A 292 -26.91 -7.21 19.01
CA ASN A 292 -25.87 -7.85 18.22
C ASN A 292 -24.49 -7.27 18.58
N ALA A 293 -23.52 -7.47 17.70
CA ALA A 293 -22.15 -7.05 17.98
C ALA A 293 -21.91 -5.56 17.75
N TYR A 294 -22.95 -4.85 17.31
CA TYR A 294 -22.78 -3.45 16.95
C TYR A 294 -23.82 -2.53 17.57
N GLY A 295 -24.56 -3.04 18.55
CA GLY A 295 -25.54 -2.23 19.25
C GLY A 295 -26.73 -3.01 19.75
N GLN A 296 -27.75 -2.30 20.20
CA GLN A 296 -28.95 -2.94 20.73
C GLN A 296 -30.17 -2.01 20.68
N ASP A 297 -31.35 -2.61 20.81
CA ASP A 297 -32.60 -1.86 20.83
C ASP A 297 -33.64 -2.61 21.64
N ASN A 298 -34.51 -1.88 22.33
CA ASN A 298 -35.54 -2.51 23.15
C ASN A 298 -36.90 -1.83 23.02
N ARG A 299 -37.96 -2.65 23.04
CA ARG A 299 -39.32 -2.16 22.98
C ARG A 299 -40.18 -2.83 24.03
N THR A 300 -41.15 -2.10 24.57
CA THR A 300 -42.05 -2.65 25.56
C THR A 300 -43.48 -2.70 25.06
N VAL A 301 -44.22 -3.71 25.49
CA VAL A 301 -45.64 -3.83 25.16
C VAL A 301 -46.42 -4.22 26.41
N GLU A 302 -47.56 -3.59 26.62
CA GLU A 302 -48.40 -3.88 27.78
C GLU A 302 -49.48 -4.88 27.42
N LEU A 303 -49.63 -5.91 28.23
CA LEU A 303 -50.67 -6.91 28.04
C LEU A 303 -51.77 -6.75 29.09
N SER A 304 -53.01 -6.59 28.62
CA SER A 304 -54.14 -6.43 29.52
C SER A 304 -55.24 -7.44 29.22
N VAL A 305 -55.48 -8.34 30.17
CA VAL A 305 -56.61 -9.25 30.09
C VAL A 305 -57.85 -8.54 30.63
N MET A 306 -58.54 -7.81 29.76
CA MET A 306 -59.65 -6.97 30.21
C MET A 306 -60.99 -7.43 29.66
N TYR A 307 -61.00 -8.56 28.97
CA TYR A 307 -62.24 -9.11 28.44
C TYR A 307 -62.57 -10.46 29.10
N ALA A 308 -63.70 -10.49 29.80
CA ALA A 308 -64.13 -11.71 30.49
C ALA A 308 -64.54 -12.79 29.49
N ALA A 309 -64.13 -14.03 29.76
CA ALA A 309 -64.47 -15.15 28.91
C ALA A 309 -65.95 -15.51 29.04
N ALA A 310 -66.62 -15.68 27.90
CA ALA A 310 -68.02 -16.08 27.89
C ALA A 310 -68.15 -17.57 28.24
N ALA A 311 -69.28 -17.94 28.82
CA ALA A 311 -69.55 -19.33 29.12
C ALA A 311 -69.73 -20.13 27.83
N HIS A 312 -69.22 -21.35 27.82
CA HIS A 312 -69.30 -22.19 26.62
C HIS A 312 -69.67 -23.62 26.96
N SER B 2 -24.82 -14.81 19.61
CA SER B 2 -23.70 -15.43 20.34
C SER B 2 -22.54 -14.46 20.48
N GLY B 3 -22.64 -13.54 21.43
CA GLY B 3 -21.60 -12.57 21.68
C GLY B 3 -20.38 -13.21 22.34
N HIS B 4 -19.27 -12.47 22.36
CA HIS B 4 -18.04 -12.95 22.96
C HIS B 4 -17.16 -11.79 23.41
N TRP B 5 -16.38 -12.02 24.47
CA TRP B 5 -15.44 -11.01 24.94
C TRP B 5 -14.35 -10.77 23.90
N GLY B 6 -14.15 -9.51 23.53
CA GLY B 6 -13.15 -9.16 22.54
C GLY B 6 -13.30 -7.72 22.07
N ALA B 7 -12.25 -7.18 21.48
CA ALA B 7 -12.28 -5.81 20.99
C ALA B 7 -11.50 -5.66 19.71
N TRP B 8 -11.90 -4.69 18.89
CA TRP B 8 -11.16 -4.36 17.67
C TRP B 8 -10.40 -3.06 17.87
N MET B 9 -9.09 -3.09 17.60
CA MET B 9 -8.22 -1.97 17.88
C MET B 9 -6.93 -2.08 17.09
N PRO B 10 -6.55 -1.01 16.39
CA PRO B 10 -5.30 -1.00 15.61
C PRO B 10 -4.09 -1.25 16.51
N SER B 11 -3.31 -2.28 16.18
CA SER B 11 -2.17 -2.69 17.01
C SER B 11 -1.19 -1.54 17.23
N THR B 12 -0.92 -0.80 16.15
CA THR B 12 -0.07 0.38 16.24
C THR B 12 -0.72 1.57 15.54
N ILE B 13 -0.60 2.75 16.15
CA ILE B 13 -1.15 3.96 15.56
C ILE B 13 -0.17 5.12 15.80
N SER B 14 -0.04 6.00 14.82
CA SER B 14 0.94 7.07 14.89
C SER B 14 0.33 8.46 14.79
N ALA B 15 1.02 9.44 15.37
CA ALA B 15 0.63 10.83 15.28
C ALA B 15 1.81 11.72 15.67
N PHE B 16 1.87 12.90 15.09
CA PHE B 16 2.95 13.85 15.39
C PHE B 16 2.90 14.31 16.83
N GLU B 17 4.01 14.89 17.29
CA GLU B 17 4.06 15.47 18.63
C GLU B 17 3.32 16.80 18.66
N GLY B 18 2.44 16.97 19.64
CA GLY B 18 1.69 18.21 19.78
C GLY B 18 0.36 18.19 19.05
N THR B 19 0.11 17.13 18.30
CA THR B 19 -1.16 16.98 17.60
C THR B 19 -2.16 16.22 18.47
N CYS B 20 -3.03 15.44 17.83
CA CYS B 20 -4.02 14.67 18.55
C CYS B 20 -4.23 13.31 17.90
N VAL B 21 -4.74 12.35 18.66
CA VAL B 21 -5.06 11.05 18.10
C VAL B 21 -6.54 10.72 18.28
N SER B 22 -7.03 9.82 17.42
CA SER B 22 -8.38 9.29 17.56
C SER B 22 -8.34 7.79 17.34
N ILE B 23 -8.01 7.06 18.39
CA ILE B 23 -7.89 5.61 18.31
C ILE B 23 -9.25 4.96 18.07
N PRO B 24 -9.43 4.36 16.87
CA PRO B 24 -10.68 3.68 16.55
C PRO B 24 -10.84 2.43 17.40
N CYS B 25 -11.97 2.29 18.06
CA CYS B 25 -12.16 1.16 18.96
C CYS B 25 -13.61 0.69 19.01
N ARG B 26 -13.79 -0.62 18.86
CA ARG B 26 -15.08 -1.24 19.12
C ARG B 26 -14.85 -2.53 19.89
N PHE B 27 -15.82 -2.91 20.71
CA PHE B 27 -15.67 -4.10 21.54
C PHE B 27 -16.95 -4.93 21.54
N ASP B 28 -16.86 -6.13 22.10
CA ASP B 28 -18.01 -7.03 22.14
C ASP B 28 -18.00 -7.85 23.42
N PHE B 29 -19.17 -8.41 23.76
CA PHE B 29 -19.33 -9.22 24.96
C PHE B 29 -20.46 -10.23 24.75
N PRO B 30 -20.49 -11.29 25.56
CA PRO B 30 -21.56 -12.30 25.45
C PRO B 30 -22.96 -11.68 25.50
N ASP B 31 -23.74 -11.90 24.46
CA ASP B 31 -25.07 -11.29 24.32
C ASP B 31 -26.04 -11.72 25.42
N GLU B 32 -25.72 -12.83 26.09
CA GLU B 32 -26.51 -13.30 27.21
C GLU B 32 -26.52 -12.25 28.32
N LEU B 33 -25.40 -11.55 28.47
CA LEU B 33 -25.31 -10.43 29.40
C LEU B 33 -26.16 -9.27 28.88
N ARG B 34 -27.03 -8.76 29.73
CA ARG B 34 -27.90 -7.65 29.37
C ARG B 34 -27.75 -6.49 30.36
N PRO B 35 -26.65 -5.73 30.22
CA PRO B 35 -26.32 -4.64 31.15
C PRO B 35 -27.23 -3.42 30.99
N ALA B 36 -27.60 -2.81 32.10
CA ALA B 36 -28.41 -1.60 32.07
C ALA B 36 -27.57 -0.42 31.57
N VAL B 37 -26.41 -0.24 32.19
CA VAL B 37 -25.49 0.82 31.79
C VAL B 37 -24.11 0.24 31.51
N VAL B 38 -23.55 0.57 30.34
CA VAL B 38 -22.25 0.05 29.95
C VAL B 38 -21.14 1.06 30.24
N HIS B 39 -20.27 0.73 31.19
CA HIS B 39 -19.14 1.58 31.52
C HIS B 39 -17.84 1.01 30.96
N GLY B 40 -16.79 1.83 30.98
CA GLY B 40 -15.50 1.42 30.46
C GLY B 40 -14.38 2.31 30.97
N VAL B 41 -13.16 1.78 30.97
CA VAL B 41 -12.00 2.54 31.43
C VAL B 41 -10.81 2.35 30.48
N TRP B 42 -10.20 3.46 30.09
CA TRP B 42 -8.98 3.41 29.29
C TRP B 42 -7.74 3.48 30.18
N TYR B 43 -6.90 2.46 30.09
CA TYR B 43 -5.69 2.39 30.91
C TYR B 43 -4.45 2.75 30.09
N PHE B 44 -3.33 2.95 30.79
CA PHE B 44 -2.07 3.27 30.13
C PHE B 44 -0.97 2.31 30.58
N ASN B 45 -0.26 1.75 29.61
CA ASN B 45 0.87 0.84 29.85
C ASN B 45 0.51 -0.50 30.51
N SER B 46 -0.42 -0.48 31.47
CA SER B 46 -0.81 -1.72 32.15
C SER B 46 -2.29 -2.02 31.96
N PRO B 47 -2.62 -3.31 31.80
CA PRO B 47 -4.00 -3.74 31.53
C PRO B 47 -4.89 -3.85 32.77
N TYR B 48 -4.33 -4.28 33.90
CA TYR B 48 -5.15 -4.59 35.07
C TYR B 48 -4.98 -3.58 36.20
N PRO B 49 -6.08 -3.31 36.95
CA PRO B 49 -6.12 -2.32 38.02
C PRO B 49 -5.22 -2.61 39.20
N LYS B 50 -4.80 -3.86 39.38
CA LYS B 50 -3.90 -4.21 40.47
C LYS B 50 -2.51 -3.61 40.23
N ASN B 51 -2.19 -3.38 38.95
CA ASN B 51 -0.96 -2.69 38.59
C ASN B 51 -1.10 -1.20 38.87
N TYR B 52 -2.34 -0.77 39.11
CA TYR B 52 -2.69 0.64 39.30
C TYR B 52 -2.13 1.53 38.18
N PRO B 53 -2.60 1.31 36.94
CA PRO B 53 -2.11 2.11 35.82
C PRO B 53 -2.79 3.47 35.75
N PRO B 54 -2.15 4.44 35.09
CA PRO B 54 -2.74 5.78 34.92
C PRO B 54 -4.08 5.71 34.18
N VAL B 55 -5.12 6.26 34.80
CA VAL B 55 -6.43 6.28 34.17
C VAL B 55 -6.48 7.32 33.06
N VAL B 56 -6.60 6.85 31.82
CA VAL B 56 -6.72 7.74 30.67
C VAL B 56 -8.15 8.29 30.59
N PHE B 57 -9.12 7.41 30.79
CA PHE B 57 -10.52 7.80 30.81
C PHE B 57 -11.33 6.84 31.66
N LYS B 58 -12.32 7.37 32.37
CA LYS B 58 -13.23 6.55 33.16
C LYS B 58 -14.67 6.99 32.94
N SER B 59 -15.51 6.05 32.53
CA SER B 59 -16.89 6.33 32.17
C SER B 59 -17.73 6.83 33.34
N ARG B 60 -17.35 6.42 34.55
CA ARG B 60 -18.10 6.78 35.74
C ARG B 60 -18.03 8.28 36.04
N THR B 61 -16.81 8.83 36.06
CA THR B 61 -16.62 10.24 36.35
C THR B 61 -15.31 10.77 35.78
N GLN B 62 -15.11 12.08 35.89
CA GLN B 62 -13.93 12.72 35.31
C GLN B 62 -12.81 12.91 36.33
N VAL B 63 -12.28 11.81 36.83
CA VAL B 63 -11.12 11.84 37.71
C VAL B 63 -9.93 11.23 36.98
N VAL B 64 -9.59 11.82 35.84
CA VAL B 64 -8.52 11.33 34.98
C VAL B 64 -7.14 11.65 35.57
N HIS B 65 -6.20 10.74 35.36
CA HIS B 65 -4.81 10.93 35.79
C HIS B 65 -4.24 12.25 35.30
N GLU B 66 -3.26 12.77 36.04
CA GLU B 66 -2.66 14.08 35.78
C GLU B 66 -2.18 14.26 34.34
N SER B 67 -1.47 13.25 33.82
CA SER B 67 -0.88 13.33 32.48
C SER B 67 -1.93 13.38 31.40
N PHE B 68 -3.09 12.80 31.65
CA PHE B 68 -4.16 12.76 30.66
C PHE B 68 -5.31 13.69 31.04
N GLN B 69 -5.12 14.45 32.11
CA GLN B 69 -6.14 15.37 32.59
C GLN B 69 -6.41 16.47 31.57
N GLY B 70 -7.63 16.49 31.03
CA GLY B 70 -8.01 17.49 30.05
C GLY B 70 -7.49 17.18 28.65
N ARG B 71 -6.84 16.03 28.51
CA ARG B 71 -6.29 15.61 27.23
C ARG B 71 -7.14 14.52 26.59
N SER B 72 -7.83 13.75 27.41
CA SER B 72 -8.57 12.58 26.93
C SER B 72 -10.07 12.77 26.94
N ARG B 73 -10.70 12.49 25.79
CA ARG B 73 -12.15 12.47 25.68
C ARG B 73 -12.59 11.24 24.91
N LEU B 74 -13.68 10.62 25.38
CA LEU B 74 -14.22 9.45 24.72
C LEU B 74 -15.20 9.85 23.62
N LEU B 75 -15.14 9.15 22.49
CA LEU B 75 -16.04 9.42 21.38
C LEU B 75 -16.96 8.22 21.13
N GLY B 76 -18.25 8.49 21.00
CA GLY B 76 -19.22 7.44 20.79
C GLY B 76 -19.60 6.73 22.08
N ASP B 77 -20.89 6.43 22.23
CA ASP B 77 -21.38 5.76 23.42
C ASP B 77 -20.81 4.36 23.58
N LEU B 78 -20.63 3.94 24.82
CA LEU B 78 -20.15 2.59 25.13
C LEU B 78 -21.26 1.58 24.94
N GLY B 79 -22.51 2.06 25.00
CA GLY B 79 -23.66 1.22 24.76
C GLY B 79 -23.78 0.86 23.30
N LEU B 80 -23.17 1.68 22.45
CA LEU B 80 -23.15 1.43 21.01
C LEU B 80 -21.89 0.69 20.60
N ARG B 81 -21.27 0.01 21.58
CA ARG B 81 -20.04 -0.75 21.37
C ARG B 81 -18.92 0.13 20.82
N ASN B 82 -18.96 1.43 21.12
CA ASN B 82 -17.97 2.36 20.59
C ASN B 82 -17.09 2.95 21.69
N CYS B 83 -15.84 2.53 21.71
CA CYS B 83 -14.89 3.00 22.71
C CYS B 83 -13.77 3.84 22.10
N THR B 84 -14.11 4.57 21.04
CA THR B 84 -13.15 5.42 20.36
C THR B 84 -12.63 6.52 21.29
N LEU B 85 -11.31 6.56 21.46
CA LEU B 85 -10.68 7.50 22.39
C LEU B 85 -9.94 8.61 21.66
N LEU B 86 -10.10 9.84 22.16
CA LEU B 86 -9.38 10.98 21.58
C LEU B 86 -8.41 11.57 22.60
N LEU B 87 -7.15 11.66 22.21
CA LEU B 87 -6.12 12.28 23.04
C LEU B 87 -5.66 13.58 22.38
N SER B 88 -5.42 14.61 23.19
CA SER B 88 -5.06 15.92 22.65
C SER B 88 -3.75 16.45 23.24
N THR B 89 -3.13 17.38 22.53
CA THR B 89 -1.85 17.97 22.92
C THR B 89 -0.82 16.90 23.27
N LEU B 90 -0.47 16.09 22.28
CA LEU B 90 0.41 14.95 22.49
C LEU B 90 1.82 15.34 22.93
N SER B 91 2.37 14.54 23.83
CA SER B 91 3.75 14.70 24.29
C SER B 91 4.38 13.32 24.39
N PRO B 92 5.68 13.20 24.09
CA PRO B 92 6.41 11.93 24.03
C PRO B 92 6.15 11.00 25.22
N GLU B 93 5.81 11.57 26.37
CA GLU B 93 5.48 10.79 27.56
C GLU B 93 4.22 9.95 27.35
N LEU B 94 3.36 10.40 26.44
CA LEU B 94 2.10 9.72 26.17
C LEU B 94 2.30 8.49 25.28
N GLY B 95 3.51 8.30 24.80
CA GLY B 95 3.83 7.14 23.98
C GLY B 95 3.87 5.86 24.79
N GLY B 96 3.12 4.86 24.35
CA GLY B 96 3.07 3.60 25.04
C GLY B 96 1.82 2.78 24.73
N LYS B 97 1.50 1.85 25.62
CA LYS B 97 0.36 0.96 25.43
C LYS B 97 -0.94 1.60 25.90
N TYR B 98 -2.04 1.27 25.23
CA TYR B 98 -3.36 1.71 25.65
C TYR B 98 -4.34 0.54 25.71
N TYR B 99 -4.91 0.30 26.88
CA TYR B 99 -5.85 -0.80 27.07
C TYR B 99 -7.25 -0.28 27.37
N PHE B 100 -8.26 -0.92 26.79
CA PHE B 100 -9.64 -0.60 27.13
C PHE B 100 -10.24 -1.69 27.99
N ARG B 101 -10.83 -1.30 29.11
CA ARG B 101 -11.40 -2.25 30.06
C ARG B 101 -12.91 -2.09 30.14
N GLY B 102 -13.63 -3.10 29.66
CA GLY B 102 -15.09 -3.08 29.68
C GLY B 102 -15.65 -3.33 31.05
N ASP B 103 -16.75 -2.66 31.38
CA ASP B 103 -17.40 -2.82 32.67
C ASP B 103 -18.90 -3.00 32.50
N LEU B 104 -19.39 -4.22 32.75
CA LEU B 104 -20.79 -4.53 32.58
C LEU B 104 -21.43 -5.03 33.88
N GLY B 105 -21.37 -4.20 34.90
CA GLY B 105 -21.94 -4.57 36.20
C GLY B 105 -20.87 -4.98 37.19
N GLY B 106 -21.26 -5.80 38.16
CA GLY B 106 -20.37 -6.23 39.21
C GLY B 106 -19.20 -7.09 38.75
N TYR B 107 -19.49 -8.33 38.38
CA TYR B 107 -18.46 -9.30 38.06
C TYR B 107 -18.00 -9.24 36.60
N ASN B 108 -18.83 -8.65 35.74
CA ASN B 108 -18.52 -8.60 34.31
C ASN B 108 -17.56 -7.47 33.94
N GLN B 109 -16.39 -7.47 34.56
CA GLN B 109 -15.32 -6.54 34.19
C GLN B 109 -14.30 -7.28 33.34
N TYR B 110 -13.85 -6.64 32.26
CA TYR B 110 -13.00 -7.33 31.31
C TYR B 110 -12.04 -6.39 30.58
N THR B 111 -10.74 -6.59 30.82
CA THR B 111 -9.72 -5.87 30.07
C THR B 111 -9.39 -6.66 28.80
N PHE B 112 -9.68 -6.06 27.65
CA PHE B 112 -9.48 -6.74 26.38
C PHE B 112 -8.00 -6.88 26.05
N SER B 113 -7.63 -8.03 25.49
CA SER B 113 -6.24 -8.32 25.16
C SER B 113 -5.78 -7.46 23.98
N GLU B 114 -6.68 -7.19 23.05
CA GLU B 114 -6.36 -6.36 21.89
C GLU B 114 -6.14 -4.91 22.33
N HIS B 115 -4.88 -4.51 22.39
CA HIS B 115 -4.54 -3.14 22.80
C HIS B 115 -3.89 -2.38 21.64
N SER B 116 -3.63 -1.10 21.87
CA SER B 116 -3.02 -0.26 20.84
C SER B 116 -1.74 0.39 21.35
N VAL B 117 -0.75 0.49 20.46
CA VAL B 117 0.50 1.17 20.78
C VAL B 117 0.58 2.50 20.08
N LEU B 118 0.56 3.59 20.85
CA LEU B 118 0.64 4.93 20.29
C LEU B 118 2.09 5.34 20.04
N ASP B 119 2.44 5.50 18.77
CA ASP B 119 3.80 5.89 18.40
C ASP B 119 3.83 7.38 18.02
N ILE B 120 4.60 8.15 18.76
CA ILE B 120 4.70 9.58 18.52
C ILE B 120 5.93 9.93 17.69
N VAL B 121 5.70 10.50 16.52
CA VAL B 121 6.80 10.80 15.59
C VAL B 121 7.00 12.31 15.42
N ASN B 122 8.13 12.68 14.83
CA ASN B 122 8.46 14.09 14.60
C ASN B 122 8.91 14.36 13.17
N THR B 123 8.94 13.31 12.35
CA THR B 123 9.41 13.43 10.98
C THR B 123 8.52 12.67 9.99
N PRO B 124 8.25 13.27 8.83
CA PRO B 124 7.44 12.67 7.78
C PRO B 124 8.11 11.44 7.15
N ASN B 125 7.34 10.67 6.39
CA ASN B 125 7.89 9.50 5.70
C ASN B 125 8.07 9.75 4.21
N ILE B 126 9.32 9.70 3.75
CA ILE B 126 9.62 9.81 2.33
C ILE B 126 10.00 8.45 1.77
N VAL B 127 9.24 7.99 0.78
CA VAL B 127 9.47 6.67 0.20
C VAL B 127 10.16 6.76 -1.17
N VAL B 128 11.42 6.36 -1.20
CA VAL B 128 12.20 6.35 -2.44
C VAL B 128 12.56 4.93 -2.82
N PRO B 129 12.28 4.54 -4.08
CA PRO B 129 12.64 3.21 -4.57
C PRO B 129 14.14 2.95 -4.45
N PRO B 130 14.53 1.71 -4.12
CA PRO B 130 15.93 1.34 -3.84
C PRO B 130 16.88 1.61 -5.00
N GLU B 131 16.35 1.71 -6.21
CA GLU B 131 17.17 1.99 -7.38
C GLU B 131 16.52 3.03 -8.29
N VAL B 132 17.15 4.20 -8.39
CA VAL B 132 16.67 5.25 -9.26
C VAL B 132 17.63 5.42 -10.44
N VAL B 133 17.10 5.24 -11.64
CA VAL B 133 17.91 5.31 -12.85
C VAL B 133 17.46 6.45 -13.76
N ALA B 134 18.42 7.20 -14.29
CA ALA B 134 18.13 8.26 -15.24
C ALA B 134 17.44 7.70 -16.48
N GLY B 135 16.44 8.43 -16.98
CA GLY B 135 15.68 8.00 -18.13
C GLY B 135 14.45 7.20 -17.74
N THR B 136 14.55 6.47 -16.63
CA THR B 136 13.45 5.65 -16.15
C THR B 136 12.46 6.49 -15.33
N GLU B 137 11.18 6.31 -15.59
CA GLU B 137 10.14 7.00 -14.83
C GLU B 137 10.15 6.55 -13.37
N VAL B 138 10.21 7.52 -12.46
CA VAL B 138 10.32 7.22 -11.03
C VAL B 138 9.20 7.90 -10.25
N GLU B 139 8.69 7.21 -9.23
CA GLU B 139 7.69 7.77 -8.34
C GLU B 139 8.24 7.93 -6.93
N VAL B 140 8.09 9.12 -6.37
CA VAL B 140 8.51 9.40 -4.99
C VAL B 140 7.32 9.91 -4.18
N SER B 141 7.09 9.32 -3.02
CA SER B 141 5.93 9.67 -2.20
C SER B 141 6.32 10.19 -0.82
N CYS B 142 5.47 11.05 -0.27
CA CYS B 142 5.65 11.53 1.10
C CYS B 142 4.44 11.12 1.94
N MET B 143 4.69 10.27 2.95
CA MET B 143 3.61 9.77 3.79
C MET B 143 3.61 10.41 5.16
N VAL B 144 2.42 10.70 5.67
CA VAL B 144 2.25 11.34 6.96
C VAL B 144 0.96 10.86 7.63
N PRO B 145 1.04 10.49 8.91
CA PRO B 145 -0.14 10.03 9.66
C PRO B 145 -1.24 11.09 9.73
N ASP B 146 -2.47 10.67 9.49
CA ASP B 146 -3.60 11.59 9.51
C ASP B 146 -4.73 11.03 10.39
N ASN B 147 -4.40 10.82 11.66
CA ASN B 147 -5.37 10.27 12.61
C ASN B 147 -5.90 11.34 13.56
N CYS B 148 -5.90 12.58 13.11
CA CYS B 148 -6.38 13.70 13.92
C CYS B 148 -7.54 14.42 13.25
N PRO B 149 -8.73 14.33 13.83
CA PRO B 149 -9.94 14.98 13.31
C PRO B 149 -9.85 16.51 13.39
N GLU B 150 -9.13 17.00 14.38
CA GLU B 150 -9.04 18.44 14.64
C GLU B 150 -7.96 19.13 13.82
N LEU B 151 -6.84 18.44 13.64
CA LEU B 151 -5.70 19.03 12.92
C LEU B 151 -5.31 18.20 11.69
N ARG B 152 -5.76 18.65 10.53
CA ARG B 152 -5.42 17.98 9.27
C ARG B 152 -4.12 18.54 8.71
N PRO B 153 -3.14 17.66 8.45
CA PRO B 153 -1.83 18.08 7.92
C PRO B 153 -1.84 18.38 6.43
N GLU B 154 -1.10 19.41 6.03
CA GLU B 154 -0.96 19.74 4.62
C GLU B 154 0.48 19.49 4.17
N LEU B 155 0.65 18.57 3.22
CA LEU B 155 1.97 18.20 2.74
C LEU B 155 2.47 19.14 1.67
N SER B 156 3.75 19.51 1.77
CA SER B 156 4.41 20.32 0.76
C SER B 156 5.83 19.82 0.56
N TRP B 157 6.30 19.85 -0.69
CA TRP B 157 7.63 19.34 -1.00
C TRP B 157 8.68 20.44 -0.93
N LEU B 158 9.92 20.03 -0.65
CA LEU B 158 11.04 20.95 -0.56
C LEU B 158 12.13 20.54 -1.54
N GLY B 159 12.49 21.45 -2.44
CA GLY B 159 13.50 21.17 -3.45
C GLY B 159 13.01 20.21 -4.51
N HIS B 160 12.00 20.64 -5.26
CA HIS B 160 11.42 19.81 -6.30
C HIS B 160 11.31 20.58 -7.62
N GLU B 161 12.12 21.62 -7.76
CA GLU B 161 12.08 22.52 -8.90
C GLU B 161 12.36 21.79 -10.23
N GLY B 162 13.15 20.73 -10.15
CA GLY B 162 13.47 19.96 -11.33
C GLY B 162 12.68 18.67 -11.44
N LEU B 163 12.02 18.31 -10.33
CA LEU B 163 11.27 17.06 -10.27
C LEU B 163 9.82 17.23 -10.72
N GLY B 164 9.42 18.48 -10.97
CA GLY B 164 8.08 18.76 -11.46
C GLY B 164 7.05 18.97 -10.35
N GLU B 165 5.82 19.23 -10.77
CA GLU B 165 4.74 19.52 -9.83
C GLU B 165 4.20 18.26 -9.15
N PRO B 166 4.01 18.32 -7.83
CA PRO B 166 3.51 17.19 -7.03
C PRO B 166 2.01 16.97 -7.16
N THR B 167 1.57 15.75 -6.88
CA THR B 167 0.14 15.44 -6.86
C THR B 167 -0.26 14.96 -5.47
N VAL B 168 -1.26 15.62 -4.89
CA VAL B 168 -1.73 15.26 -3.56
C VAL B 168 -2.82 14.20 -3.62
N LEU B 169 -2.51 13.00 -3.13
CA LEU B 169 -3.49 11.92 -3.09
C LEU B 169 -4.49 12.17 -1.98
N GLY B 170 -4.01 12.70 -0.86
CA GLY B 170 -4.86 13.08 0.25
C GLY B 170 -4.98 12.02 1.33
N ARG B 171 -6.16 11.94 1.94
CA ARG B 171 -6.43 11.03 3.03
C ARG B 171 -6.59 9.59 2.52
N LEU B 172 -5.68 8.71 2.92
CA LEU B 172 -5.73 7.32 2.49
C LEU B 172 -5.76 6.36 3.68
N ARG B 173 -6.46 5.24 3.51
CA ARG B 173 -6.53 4.21 4.54
C ARG B 173 -5.36 3.24 4.36
N GLU B 174 -4.36 3.35 5.23
CA GLU B 174 -3.16 2.52 5.10
C GLU B 174 -3.33 1.15 5.76
N ASP B 175 -4.20 1.08 6.77
CA ASP B 175 -4.43 -0.16 7.50
C ASP B 175 -5.76 -0.09 8.24
N GLU B 176 -6.07 -1.14 8.99
CA GLU B 176 -7.33 -1.21 9.72
C GLU B 176 -7.41 -0.17 10.83
N GLY B 177 -8.14 0.91 10.58
CA GLY B 177 -8.36 1.93 11.57
C GLY B 177 -7.59 3.22 11.35
N THR B 178 -6.39 3.11 10.80
CA THR B 178 -5.52 4.27 10.65
C THR B 178 -5.61 4.92 9.28
N TRP B 179 -5.18 6.17 9.19
CA TRP B 179 -5.19 6.92 7.95
C TRP B 179 -3.87 7.65 7.74
N VAL B 180 -3.56 7.97 6.49
CA VAL B 180 -2.34 8.71 6.16
C VAL B 180 -2.57 9.80 5.12
N GLN B 181 -1.77 10.85 5.19
CA GLN B 181 -1.73 11.87 4.15
C GLN B 181 -0.58 11.58 3.20
N VAL B 182 -0.88 11.49 1.91
CA VAL B 182 0.14 11.13 0.93
C VAL B 182 0.27 12.15 -0.19
N SER B 183 1.49 12.61 -0.41
CA SER B 183 1.80 13.48 -1.54
C SER B 183 2.74 12.74 -2.50
N LEU B 184 2.54 12.92 -3.80
CA LEU B 184 3.25 12.11 -4.78
C LEU B 184 4.09 12.94 -5.76
N LEU B 185 5.30 12.47 -6.04
CA LEU B 185 6.15 13.05 -7.06
C LEU B 185 6.38 12.04 -8.18
N HIS B 186 5.97 12.38 -9.40
CA HIS B 186 6.13 11.50 -10.55
C HIS B 186 6.97 12.20 -11.62
N PHE B 187 8.17 11.69 -11.87
CA PHE B 187 9.10 12.36 -12.76
C PHE B 187 10.07 11.40 -13.46
N VAL B 188 10.74 11.91 -14.49
CA VAL B 188 11.81 11.17 -15.15
C VAL B 188 13.13 11.90 -14.92
N PRO B 189 13.96 11.37 -14.01
CA PRO B 189 15.20 12.02 -13.59
C PRO B 189 16.33 11.98 -14.63
N THR B 190 17.20 12.99 -14.61
CA THR B 190 18.39 13.04 -15.45
C THR B 190 19.62 12.82 -14.57
N ARG B 191 20.83 12.92 -15.13
CA ARG B 191 22.04 12.78 -14.32
C ARG B 191 22.17 13.95 -13.35
N GLU B 192 21.65 15.11 -13.75
CA GLU B 192 21.78 16.32 -12.96
C GLU B 192 20.93 16.24 -11.69
N ALA B 193 20.03 15.27 -11.65
CA ALA B 193 19.16 15.08 -10.48
C ALA B 193 19.83 14.21 -9.42
N ASN B 194 21.07 13.79 -9.68
CA ASN B 194 21.80 12.96 -8.73
C ASN B 194 22.31 13.77 -7.55
N GLY B 195 22.00 13.31 -6.34
CA GLY B 195 22.40 14.01 -5.13
C GLY B 195 21.43 15.13 -4.81
N HIS B 196 20.28 15.11 -5.48
CA HIS B 196 19.27 16.14 -5.28
C HIS B 196 18.71 16.11 -3.86
N ARG B 197 18.73 17.28 -3.23
CA ARG B 197 18.16 17.47 -1.91
C ARG B 197 16.64 17.45 -2.01
N LEU B 198 16.02 16.41 -1.46
CA LEU B 198 14.57 16.26 -1.55
C LEU B 198 13.94 16.16 -0.16
N GLY B 199 13.04 17.07 0.13
CA GLY B 199 12.42 17.12 1.45
C GLY B 199 10.92 17.28 1.39
N CYS B 200 10.26 16.91 2.48
CA CYS B 200 8.82 17.04 2.59
C CYS B 200 8.44 17.70 3.93
N GLN B 201 7.47 18.60 3.88
CA GLN B 201 7.03 19.30 5.08
C GLN B 201 5.57 19.03 5.41
N ALA B 202 5.32 18.63 6.64
CA ALA B 202 3.96 18.52 7.15
C ALA B 202 3.63 19.77 7.94
N ALA B 203 2.68 20.55 7.45
CA ALA B 203 2.33 21.81 8.11
C ALA B 203 0.86 21.85 8.54
N PHE B 204 0.64 22.45 9.69
CA PHE B 204 -0.71 22.76 10.17
C PHE B 204 -0.80 24.28 10.22
N PRO B 205 -1.56 24.88 9.28
CA PRO B 205 -1.51 26.32 8.98
C PRO B 205 -1.77 27.25 10.17
N ASN B 206 -2.88 27.05 10.88
CA ASN B 206 -3.22 27.92 12.01
C ASN B 206 -2.26 27.80 13.20
N THR B 207 -1.75 26.59 13.42
CA THR B 207 -0.91 26.32 14.58
C THR B 207 0.54 26.73 14.34
N THR B 208 1.41 26.31 15.25
CA THR B 208 2.83 26.60 15.16
C THR B 208 3.63 25.33 14.88
N LEU B 209 2.91 24.25 14.60
CA LEU B 209 3.51 22.94 14.39
C LEU B 209 3.87 22.69 12.94
N GLN B 210 5.15 22.43 12.69
CA GLN B 210 5.62 22.04 11.36
C GLN B 210 6.68 20.96 11.48
N PHE B 211 6.58 19.94 10.63
CA PHE B 211 7.50 18.81 10.69
C PHE B 211 8.14 18.57 9.33
N GLU B 212 9.45 18.35 9.32
CA GLU B 212 10.19 18.19 8.07
C GLU B 212 11.17 17.03 8.12
N GLY B 213 11.39 16.42 6.95
CA GLY B 213 12.37 15.37 6.78
C GLY B 213 12.94 15.46 5.38
N TYR B 214 14.20 15.07 5.21
CA TYR B 214 14.86 15.18 3.92
C TYR B 214 15.44 13.87 3.43
N ALA B 215 15.72 13.81 2.13
CA ALA B 215 16.33 12.64 1.52
C ALA B 215 17.12 13.04 0.29
N SER B 216 18.18 12.31 -0.01
CA SER B 216 19.02 12.61 -1.17
C SER B 216 18.79 11.60 -2.29
N LEU B 217 18.52 12.10 -3.49
CA LEU B 217 18.28 11.24 -4.64
C LEU B 217 19.55 10.58 -5.14
N ASP B 218 19.56 9.25 -5.13
CA ASP B 218 20.66 8.48 -5.71
C ASP B 218 20.29 8.08 -7.14
N VAL B 219 20.72 8.88 -8.10
CA VAL B 219 20.36 8.64 -9.49
C VAL B 219 21.49 7.98 -10.26
N LYS B 220 21.25 6.76 -10.73
CA LYS B 220 22.22 6.03 -11.54
C LYS B 220 22.14 6.46 -12.99
N TYR B 221 23.30 6.52 -13.65
CA TYR B 221 23.35 6.92 -15.06
C TYR B 221 24.62 6.43 -15.74
N PRO B 222 24.55 6.17 -17.06
CA PRO B 222 25.70 5.70 -17.85
C PRO B 222 26.84 6.72 -17.86
N PRO B 223 28.07 6.25 -18.13
CA PRO B 223 29.24 7.14 -18.13
C PRO B 223 29.34 8.01 -19.37
N VAL B 224 29.79 9.25 -19.17
CA VAL B 224 30.09 10.15 -20.27
C VAL B 224 31.49 10.72 -20.08
N ILE B 225 32.37 10.43 -21.02
CA ILE B 225 33.75 10.92 -20.95
C ILE B 225 33.77 12.44 -21.09
N VAL B 226 34.07 13.12 -20.00
CA VAL B 226 34.09 14.58 -19.97
C VAL B 226 35.50 15.11 -20.25
N GLU B 227 36.49 14.46 -19.66
CA GLU B 227 37.88 14.87 -19.81
C GLU B 227 38.61 13.99 -20.82
N MET B 228 39.16 14.62 -21.85
CA MET B 228 39.91 13.90 -22.88
C MET B 228 40.83 14.85 -23.64
N ASN B 229 42.09 14.45 -23.78
CA ASN B 229 43.05 15.26 -24.52
C ASN B 229 42.69 15.35 -25.99
N SER B 230 43.26 16.35 -26.67
CA SER B 230 43.13 16.44 -28.11
C SER B 230 44.26 15.65 -28.75
N SER B 231 44.47 15.83 -30.06
CA SER B 231 45.58 15.18 -30.75
C SER B 231 46.90 15.68 -30.15
N VAL B 232 47.80 14.75 -29.88
CA VAL B 232 49.07 15.10 -29.25
C VAL B 232 50.23 15.12 -30.25
N GLU B 233 50.93 16.24 -30.30
CA GLU B 233 52.12 16.37 -31.13
C GLU B 233 53.36 16.41 -30.24
N ALA B 234 53.91 15.23 -29.97
CA ALA B 234 54.98 15.09 -28.98
C ALA B 234 56.37 15.21 -29.58
N ILE B 235 57.35 15.39 -28.70
CA ILE B 235 58.76 15.45 -29.09
C ILE B 235 59.40 14.09 -28.87
N GLU B 236 60.35 13.72 -29.72
CA GLU B 236 61.03 12.44 -29.62
C GLU B 236 61.75 12.27 -28.27
N GLY B 237 61.40 11.22 -27.54
CA GLY B 237 62.04 10.93 -26.27
C GLY B 237 61.41 11.64 -25.09
N SER B 238 60.43 12.48 -25.35
CA SER B 238 59.76 13.25 -24.29
C SER B 238 58.79 12.37 -23.52
N HIS B 239 58.16 12.95 -22.50
CA HIS B 239 57.17 12.24 -21.70
C HIS B 239 55.76 12.70 -22.04
N VAL B 240 54.87 11.74 -22.27
CA VAL B 240 53.48 12.06 -22.62
C VAL B 240 52.50 11.49 -21.59
N SER B 241 51.69 12.36 -21.00
CA SER B 241 50.70 11.94 -20.02
C SER B 241 49.29 12.11 -20.57
N LEU B 242 48.56 11.00 -20.71
CA LEU B 242 47.19 11.03 -21.19
C LEU B 242 46.21 10.83 -20.04
N LEU B 243 45.21 11.69 -19.97
CA LEU B 243 44.20 11.61 -18.91
C LEU B 243 42.81 11.37 -19.49
N CYS B 244 42.11 10.40 -18.91
CA CYS B 244 40.74 10.12 -19.29
C CYS B 244 39.80 10.27 -18.10
N GLY B 245 38.84 11.19 -18.22
CA GLY B 245 37.89 11.44 -17.17
C GLY B 245 36.47 11.08 -17.57
N ALA B 246 35.79 10.34 -16.70
CA ALA B 246 34.41 9.92 -16.98
C ALA B 246 33.50 10.22 -15.79
N ASP B 247 32.27 10.62 -16.10
CA ASP B 247 31.27 10.89 -15.08
C ASP B 247 30.17 9.86 -15.10
N SER B 248 30.06 9.08 -14.03
CA SER B 248 29.01 8.07 -13.92
C SER B 248 28.66 7.75 -12.47
N ASN B 249 27.56 7.03 -12.30
CA ASN B 249 27.13 6.57 -10.99
C ASN B 249 26.49 5.19 -11.12
N PRO B 250 27.14 4.15 -10.55
CA PRO B 250 28.36 4.16 -9.74
C PRO B 250 29.62 4.45 -10.55
N PRO B 251 30.76 4.74 -9.88
CA PRO B 251 32.05 4.97 -10.54
C PRO B 251 32.36 3.93 -11.61
N PRO B 252 32.87 4.38 -12.77
CA PRO B 252 33.06 3.54 -13.94
C PRO B 252 34.39 2.79 -13.96
N LEU B 253 34.44 1.69 -14.69
CA LEU B 253 35.70 1.03 -14.97
C LEU B 253 36.38 1.74 -16.13
N LEU B 254 37.59 2.24 -15.91
CA LEU B 254 38.34 2.91 -16.95
C LEU B 254 39.44 2.01 -17.49
N THR B 255 39.59 2.00 -18.81
CA THR B 255 40.59 1.15 -19.45
C THR B 255 41.26 1.86 -20.63
N TRP B 256 42.58 1.94 -20.58
CA TRP B 256 43.35 2.46 -21.70
C TRP B 256 43.74 1.31 -22.63
N MET B 257 43.51 1.50 -23.93
CA MET B 257 43.78 0.44 -24.90
C MET B 257 44.60 0.90 -26.09
N ARG B 258 45.68 0.18 -26.37
CA ARG B 258 46.42 0.34 -27.62
C ARG B 258 45.95 -0.72 -28.60
N ASP B 259 45.22 -0.29 -29.62
CA ASP B 259 44.53 -1.20 -30.52
C ASP B 259 43.63 -2.11 -29.71
N GLY B 260 43.93 -3.42 -29.74
CA GLY B 260 43.13 -4.39 -29.01
C GLY B 260 43.75 -4.80 -27.69
N MET B 261 44.91 -4.25 -27.37
CA MET B 261 45.62 -4.60 -26.14
C MET B 261 45.26 -3.66 -25.00
N VAL B 262 45.33 -4.17 -23.78
CA VAL B 262 45.01 -3.38 -22.59
C VAL B 262 46.27 -2.84 -21.93
N LEU B 263 46.34 -1.51 -21.80
CA LEU B 263 47.50 -0.87 -21.18
C LEU B 263 47.34 -0.75 -19.66
N ARG B 264 46.39 0.08 -19.24
CA ARG B 264 46.13 0.26 -17.81
C ARG B 264 44.64 0.14 -17.52
N GLU B 265 44.31 -0.32 -16.32
CA GLU B 265 42.92 -0.58 -15.95
C GLU B 265 42.68 -0.32 -14.47
N ALA B 266 41.65 0.47 -14.18
CA ALA B 266 41.30 0.79 -12.80
C ALA B 266 39.86 1.27 -12.68
N VAL B 267 39.32 1.22 -11.46
CA VAL B 267 37.96 1.70 -11.21
C VAL B 267 38.00 3.08 -10.55
N ALA B 268 37.78 4.12 -11.34
CA ALA B 268 37.78 5.49 -10.86
C ALA B 268 37.09 6.41 -11.85
N LYS B 269 37.09 7.70 -11.56
CA LYS B 269 36.48 8.68 -12.45
C LYS B 269 37.52 9.36 -13.33
N SER B 270 38.79 9.08 -13.05
CA SER B 270 39.89 9.60 -13.86
C SER B 270 41.05 8.60 -13.88
N LEU B 271 41.60 8.35 -15.06
CA LEU B 271 42.70 7.42 -15.20
C LEU B 271 43.82 8.00 -16.07
N TYR B 272 45.05 7.93 -15.56
CA TYR B 272 46.20 8.46 -16.27
C TYR B 272 46.94 7.39 -17.05
N LEU B 273 47.40 7.75 -18.25
CA LEU B 273 48.24 6.88 -19.06
C LEU B 273 49.56 7.57 -19.35
N ASP B 274 50.64 7.07 -18.75
CA ASP B 274 51.95 7.69 -18.91
C ASP B 274 52.83 6.92 -19.89
N LEU B 275 53.34 7.63 -20.88
CA LEU B 275 54.27 7.06 -21.85
C LEU B 275 55.63 7.72 -21.73
N GLU B 276 56.66 6.92 -21.49
CA GLU B 276 57.99 7.45 -21.24
C GLU B 276 58.94 7.20 -22.41
N GLU B 277 59.75 8.21 -22.73
CA GLU B 277 60.71 8.13 -23.83
C GLU B 277 60.04 7.71 -25.13
N VAL B 278 59.18 8.58 -25.64
CA VAL B 278 58.32 8.26 -26.77
C VAL B 278 59.09 8.20 -28.10
N THR B 279 58.80 7.16 -28.89
CA THR B 279 59.39 6.98 -30.21
C THR B 279 58.29 7.05 -31.26
N PRO B 280 58.67 7.23 -32.54
CA PRO B 280 57.67 7.18 -33.62
C PRO B 280 56.93 5.85 -33.69
N GLY B 281 57.49 4.80 -33.09
CA GLY B 281 56.87 3.50 -33.06
C GLY B 281 55.50 3.50 -32.39
N GLU B 282 55.36 4.34 -31.37
CA GLU B 282 54.07 4.51 -30.71
C GLU B 282 53.05 5.10 -31.68
N ASP B 283 52.05 4.30 -32.04
CA ASP B 283 51.07 4.70 -33.03
C ASP B 283 50.15 5.78 -32.49
N GLY B 284 49.19 6.22 -33.31
CA GLY B 284 48.31 7.31 -32.95
C GLY B 284 47.18 6.94 -32.01
N VAL B 285 46.37 5.97 -32.41
CA VAL B 285 45.13 5.65 -31.71
C VAL B 285 45.33 5.12 -30.29
N TYR B 286 44.91 5.92 -29.31
CA TYR B 286 44.83 5.51 -27.91
C TYR B 286 43.41 5.67 -27.41
N ALA B 287 42.77 4.57 -27.04
CA ALA B 287 41.36 4.58 -26.68
C ALA B 287 41.13 4.38 -25.19
N CYS B 288 40.26 5.21 -24.61
CA CYS B 288 39.85 5.05 -23.23
C CYS B 288 38.42 4.53 -23.15
N LEU B 289 38.21 3.50 -22.34
CA LEU B 289 36.89 2.88 -22.22
C LEU B 289 36.29 3.11 -20.84
N ALA B 290 35.09 3.68 -20.79
CA ALA B 290 34.38 3.87 -19.54
C ALA B 290 33.14 2.97 -19.51
N GLU B 291 33.13 2.01 -18.60
CA GLU B 291 32.02 1.07 -18.53
C GLU B 291 31.31 1.12 -17.17
N ASN B 292 29.99 1.04 -17.22
CA ASN B 292 29.16 1.06 -16.02
C ASN B 292 28.05 0.01 -16.15
N ALA B 293 27.36 -0.27 -15.06
CA ALA B 293 26.29 -1.27 -15.07
C ALA B 293 25.06 -0.76 -15.83
N TYR B 294 25.10 0.51 -16.25
CA TYR B 294 23.94 1.11 -16.92
C TYR B 294 24.30 1.65 -18.30
N GLY B 295 25.55 1.45 -18.72
CA GLY B 295 25.99 1.91 -20.03
C GLY B 295 27.49 2.02 -20.15
N GLN B 296 27.95 2.59 -21.26
CA GLN B 296 29.38 2.72 -21.52
C GLN B 296 29.69 3.85 -22.51
N ASP B 297 30.95 4.25 -22.55
CA ASP B 297 31.39 5.31 -23.45
C ASP B 297 32.88 5.17 -23.76
N ASN B 298 33.29 5.67 -24.92
CA ASN B 298 34.68 5.59 -25.35
C ASN B 298 35.12 6.81 -26.15
N ARG B 299 36.38 7.19 -25.99
CA ARG B 299 36.96 8.27 -26.79
C ARG B 299 38.41 7.95 -27.10
N THR B 300 38.94 8.56 -28.15
CA THR B 300 40.29 8.26 -28.61
C THR B 300 41.18 9.51 -28.68
N VAL B 301 42.46 9.32 -28.37
CA VAL B 301 43.45 10.37 -28.55
C VAL B 301 44.52 9.90 -29.54
N GLU B 302 44.88 10.77 -30.48
CA GLU B 302 45.91 10.43 -31.46
C GLU B 302 47.26 10.97 -31.04
N LEU B 303 48.26 10.09 -31.01
CA LEU B 303 49.61 10.49 -30.65
C LEU B 303 50.50 10.54 -31.88
N SER B 304 51.05 11.72 -32.16
CA SER B 304 51.95 11.90 -33.29
C SER B 304 53.30 12.43 -32.85
N VAL B 305 54.35 11.65 -33.06
CA VAL B 305 55.70 12.08 -32.72
C VAL B 305 56.32 12.81 -33.89
N MET B 306 56.13 14.12 -33.92
CA MET B 306 56.57 14.94 -35.05
C MET B 306 57.92 15.58 -34.80
N TYR B 307 58.05 16.25 -33.67
CA TYR B 307 59.22 17.08 -33.38
C TYR B 307 60.42 16.25 -32.94
N ALA B 308 61.55 16.45 -33.62
CA ALA B 308 62.80 15.80 -33.25
C ALA B 308 63.43 16.50 -32.07
N ALA B 309 64.06 15.73 -31.19
CA ALA B 309 64.67 16.27 -29.98
C ALA B 309 66.01 16.92 -30.28
N ALA B 310 66.25 18.07 -29.64
CA ALA B 310 67.51 18.77 -29.78
C ALA B 310 68.62 17.99 -29.07
N ALA B 311 69.86 18.28 -29.44
CA ALA B 311 71.01 17.59 -28.84
C ALA B 311 71.13 17.93 -27.36
N HIS B 312 71.96 17.17 -26.66
CA HIS B 312 72.14 17.30 -25.21
C HIS B 312 70.83 17.11 -24.46
#